data_3OMK
#
_entry.id   3OMK
#
_cell.length_a   72.320
_cell.length_b   84.710
_cell.length_c   190.010
_cell.angle_alpha   90.00
_cell.angle_beta   90.00
_cell.angle_gamma   90.00
#
_symmetry.space_group_name_H-M   'C 2 2 21'
#
loop_
_entity.id
_entity.type
_entity.pdbx_description
1 polymer 'Bile acid receptor'
2 polymer 'peptide of Nuclear receptor coactivator 1'
3 non-polymer (2S)-2-[2-(4-chlorophenyl)-5,6-difluoro-1H-benzimidazol-1-yl]-2-cyclohexyl-N-(2-methylphenyl)ethanamide
4 water water
#
loop_
_entity_poly.entity_id
_entity_poly.type
_entity_poly.pdbx_seq_one_letter_code
_entity_poly.pdbx_strand_id
1 'polypeptide(L)'
;GSHMELTPDQQTLLHFIMDSYNKQRMPQEITNKILKEAFSAEENFLILTEMATNHVQVLVEFTKKLPGFQTLDHEDQIAL
LKGSAVEAMFLRSAEIFNKKLPSGHSDLLEARIRNSGISDEYITPMFSFYKSIGELKMTQEEYALLTAIVILSPDRQYIK
DREAVEKLQEPLLDVLQKLCKIHQPENPQHFACLLGRLTELRTFNHHHAEMLMSWRVNDHKFTPLLCEIWDVQ
;
A,C
2 'polypeptide(L)' KDHQLLRYLLDKDE B,D
#
# COMPACT_ATOMS: atom_id res chain seq x y z
N MET A 4 -28.51 -20.21 -34.74
CA MET A 4 -28.44 -21.67 -34.61
C MET A 4 -27.68 -22.08 -33.34
N GLU A 5 -27.71 -23.40 -33.04
CA GLU A 5 -27.02 -24.05 -31.93
C GLU A 5 -25.65 -24.53 -32.44
N LEU A 6 -24.79 -25.07 -31.55
CA LEU A 6 -23.50 -25.60 -31.97
C LEU A 6 -23.70 -26.91 -32.72
N THR A 7 -23.05 -27.03 -33.87
CA THR A 7 -23.10 -28.25 -34.69
C THR A 7 -22.26 -29.34 -34.00
N PRO A 8 -22.35 -30.62 -34.46
CA PRO A 8 -21.55 -31.69 -33.82
C PRO A 8 -20.05 -31.40 -33.86
N ASP A 9 -19.60 -30.83 -34.99
CA ASP A 9 -18.21 -30.47 -35.23
C ASP A 9 -17.78 -29.30 -34.33
N GLN A 10 -18.71 -28.37 -34.05
CA GLN A 10 -18.41 -27.21 -33.21
C GLN A 10 -18.34 -27.61 -31.74
N GLN A 11 -19.20 -28.55 -31.27
CA GLN A 11 -19.13 -29.07 -29.91
C GLN A 11 -17.82 -29.83 -29.71
N THR A 12 -17.37 -30.59 -30.73
CA THR A 12 -16.12 -31.34 -30.68
C THR A 12 -14.98 -30.34 -30.51
N LEU A 13 -14.95 -29.30 -31.38
CA LEU A 13 -13.91 -28.26 -31.35
C LEU A 13 -13.88 -27.54 -30.01
N LEU A 14 -15.04 -27.15 -29.49
CA LEU A 14 -15.12 -26.48 -28.21
C LEU A 14 -14.54 -27.35 -27.07
N HIS A 15 -15.08 -28.57 -26.88
CA HIS A 15 -14.59 -29.49 -25.84
C HIS A 15 -13.11 -29.75 -25.96
N PHE A 16 -12.60 -29.87 -27.17
CA PHE A 16 -11.19 -30.07 -27.42
C PHE A 16 -10.33 -28.84 -27.01
N ILE A 17 -10.80 -27.61 -27.33
CA ILE A 17 -10.11 -26.38 -26.92
C ILE A 17 -10.19 -26.26 -25.39
N MET A 18 -11.33 -26.61 -24.81
CA MET A 18 -11.47 -26.60 -23.36
C MET A 18 -10.47 -27.48 -22.66
N ASP A 19 -10.27 -28.69 -23.17
CA ASP A 19 -9.31 -29.65 -22.61
C ASP A 19 -7.84 -29.17 -22.64
N SER A 20 -7.41 -28.53 -23.74
CA SER A 20 -6.04 -28.00 -23.83
C SER A 20 -5.88 -26.79 -22.93
N TYR A 21 -6.92 -25.93 -22.85
CA TYR A 21 -6.96 -24.74 -22.01
C TYR A 21 -6.79 -25.08 -20.51
N ASN A 22 -7.45 -26.16 -20.06
CA ASN A 22 -7.41 -26.58 -18.67
C ASN A 22 -6.07 -27.10 -18.15
N LYS A 23 -5.07 -27.23 -19.04
CA LYS A 23 -3.74 -27.71 -18.67
C LYS A 23 -2.94 -26.63 -17.96
N GLN A 24 -3.46 -25.41 -17.97
CA GLN A 24 -2.85 -24.26 -17.31
C GLN A 24 -2.87 -24.43 -15.80
N ARG A 25 -1.98 -23.69 -15.14
CA ARG A 25 -1.86 -23.59 -13.70
C ARG A 25 -3.16 -23.04 -13.20
N MET A 26 -3.71 -23.66 -12.16
CA MET A 26 -4.99 -23.31 -11.59
C MET A 26 -4.99 -21.93 -11.00
N PRO A 27 -6.10 -21.16 -11.13
CA PRO A 27 -6.11 -19.79 -10.58
C PRO A 27 -5.74 -19.68 -9.10
N GLN A 28 -6.32 -20.54 -8.24
CA GLN A 28 -6.05 -20.53 -6.80
C GLN A 28 -4.58 -20.70 -6.47
N GLU A 29 -3.87 -21.58 -7.17
CA GLU A 29 -2.43 -21.79 -7.00
C GLU A 29 -1.66 -20.45 -7.11
N ILE A 30 -2.26 -19.46 -7.80
CA ILE A 30 -1.69 -18.14 -8.04
C ILE A 30 -2.17 -17.17 -6.98
N THR A 31 -3.50 -17.06 -6.79
CA THR A 31 -4.12 -16.15 -5.83
C THR A 31 -3.89 -16.55 -4.37
N ASN A 32 -3.65 -17.86 -4.08
CA ASN A 32 -3.38 -18.37 -2.73
C ASN A 32 -2.13 -17.77 -2.20
N LYS A 33 -1.07 -17.83 -3.03
CA LYS A 33 0.26 -17.32 -2.74
C LYS A 33 0.25 -15.83 -2.50
N ILE A 34 -0.37 -15.04 -3.42
CA ILE A 34 -0.45 -13.57 -3.30
C ILE A 34 -1.24 -13.18 -2.04
N LEU A 35 -2.35 -13.88 -1.75
CA LEU A 35 -3.18 -13.59 -0.58
C LEU A 35 -2.58 -14.07 0.74
N LYS A 36 -1.82 -15.17 0.74
CA LYS A 36 -1.18 -15.74 1.94
C LYS A 36 -0.34 -14.73 2.69
N GLU A 37 0.49 -13.97 1.99
CA GLU A 37 1.37 -13.00 2.64
C GLU A 37 1.88 -11.95 1.67
N ALA A 38 2.31 -10.80 2.22
CA ALA A 38 2.88 -9.76 1.38
C ALA A 38 4.36 -10.07 1.14
N PHE A 39 4.82 -9.75 -0.07
CA PHE A 39 6.20 -10.00 -0.42
C PHE A 39 6.83 -8.72 -0.84
N SER A 40 8.15 -8.69 -0.89
CA SER A 40 8.89 -7.52 -1.37
C SER A 40 8.77 -7.48 -2.91
N ALA A 41 9.03 -6.31 -3.51
CA ALA A 41 9.00 -6.09 -4.95
C ALA A 41 9.95 -7.05 -5.68
N GLU A 42 11.11 -7.37 -5.05
CA GLU A 42 12.10 -8.31 -5.58
CA GLU A 42 12.10 -8.33 -5.57
C GLU A 42 11.52 -9.74 -5.59
N GLU A 43 10.77 -10.09 -4.53
CA GLU A 43 10.17 -11.43 -4.45
C GLU A 43 9.05 -11.54 -5.49
N ASN A 44 8.30 -10.42 -5.70
CA ASN A 44 7.20 -10.43 -6.67
C ASN A 44 7.71 -10.53 -8.10
N PHE A 45 8.89 -9.90 -8.36
CA PHE A 45 9.48 -9.91 -9.68
C PHE A 45 9.86 -11.32 -10.06
N LEU A 46 10.39 -12.10 -9.11
CA LEU A 46 10.74 -13.51 -9.34
C LEU A 46 9.50 -14.40 -9.46
N ILE A 47 8.40 -14.09 -8.72
CA ILE A 47 7.15 -14.86 -8.80
C ILE A 47 6.61 -14.58 -10.22
N LEU A 48 6.64 -13.31 -10.67
CA LEU A 48 6.17 -12.97 -12.01
C LEU A 48 6.92 -13.69 -13.12
N THR A 49 8.25 -13.73 -13.03
CA THR A 49 9.05 -14.36 -14.09
C THR A 49 8.88 -15.86 -14.16
N GLU A 50 8.78 -16.51 -13.00
CA GLU A 50 8.57 -17.94 -12.99
C GLU A 50 7.12 -18.26 -13.48
N MET A 51 6.13 -17.46 -13.10
CA MET A 51 4.76 -17.71 -13.59
C MET A 51 4.68 -17.53 -15.09
N ALA A 52 5.41 -16.54 -15.63
CA ALA A 52 5.39 -16.22 -17.04
C ALA A 52 6.12 -17.21 -17.86
N THR A 53 7.17 -17.86 -17.31
CA THR A 53 7.95 -18.87 -18.03
C THR A 53 7.06 -20.11 -18.15
N ASN A 54 6.36 -20.48 -17.07
CA ASN A 54 5.46 -21.62 -17.08
C ASN A 54 4.34 -21.43 -18.10
N HIS A 55 3.74 -20.25 -18.08
CA HIS A 55 2.69 -19.80 -18.99
C HIS A 55 3.08 -19.83 -20.43
N VAL A 56 4.29 -19.34 -20.78
CA VAL A 56 4.69 -19.42 -22.20
C VAL A 56 4.81 -20.90 -22.61
N GLN A 57 5.38 -21.72 -21.72
CA GLN A 57 5.56 -23.15 -21.95
C GLN A 57 4.24 -23.88 -22.28
N VAL A 58 3.25 -23.64 -21.46
CA VAL A 58 1.88 -24.19 -21.60
C VAL A 58 1.18 -23.61 -22.84
N LEU A 59 1.43 -22.30 -23.11
CA LEU A 59 0.85 -21.65 -24.27
C LEU A 59 1.36 -22.22 -25.56
N VAL A 60 2.64 -22.60 -25.63
CA VAL A 60 3.17 -23.28 -26.82
C VAL A 60 2.44 -24.63 -27.05
N GLU A 61 2.24 -25.41 -25.98
CA GLU A 61 1.57 -26.71 -26.06
C GLU A 61 0.13 -26.52 -26.50
N PHE A 62 -0.54 -25.47 -25.99
CA PHE A 62 -1.93 -25.11 -26.33
C PHE A 62 -2.07 -24.75 -27.80
N THR A 63 -1.12 -23.97 -28.28
CA THR A 63 -1.06 -23.48 -29.64
C THR A 63 -0.85 -24.62 -30.63
N LYS A 64 0.05 -25.53 -30.30
CA LYS A 64 0.33 -26.70 -31.15
C LYS A 64 -0.90 -27.58 -31.34
N LYS A 65 -1.78 -27.59 -30.36
CA LYS A 65 -2.98 -28.40 -30.43
C LYS A 65 -4.08 -27.72 -31.24
N LEU A 66 -3.94 -26.40 -31.53
CA LEU A 66 -4.96 -25.68 -32.28
C LEU A 66 -5.09 -26.27 -33.68
N PRO A 67 -6.29 -26.78 -34.02
CA PRO A 67 -6.49 -27.40 -35.35
C PRO A 67 -5.92 -26.65 -36.54
N GLY A 68 -4.98 -27.30 -37.22
CA GLY A 68 -4.33 -26.72 -38.37
C GLY A 68 -3.08 -25.92 -38.08
N PHE A 69 -2.77 -25.63 -36.79
CA PHE A 69 -1.58 -24.81 -36.50
C PHE A 69 -0.30 -25.43 -37.03
N GLN A 70 -0.19 -26.75 -36.92
CA GLN A 70 0.99 -27.49 -37.34
C GLN A 70 1.25 -27.42 -38.81
N THR A 71 0.16 -27.23 -39.60
CA THR A 71 0.23 -27.12 -41.08
C THR A 71 0.63 -25.72 -41.57
N LEU A 72 0.86 -24.78 -40.65
CA LEU A 72 1.26 -23.43 -41.01
C LEU A 72 2.74 -23.39 -41.29
N ASP A 73 3.20 -22.37 -42.07
CA ASP A 73 4.63 -22.19 -42.33
C ASP A 73 5.29 -22.05 -40.97
N HIS A 74 6.53 -22.56 -40.83
CA HIS A 74 7.24 -22.55 -39.55
C HIS A 74 7.61 -21.20 -39.08
N GLU A 75 7.93 -20.30 -40.02
CA GLU A 75 8.28 -18.93 -39.67
C GLU A 75 7.00 -18.23 -39.22
N ASP A 76 5.86 -18.57 -39.86
CA ASP A 76 4.57 -18.02 -39.49
C ASP A 76 4.14 -18.50 -38.08
N GLN A 77 4.38 -19.80 -37.76
CA GLN A 77 4.11 -20.42 -36.46
C GLN A 77 4.80 -19.61 -35.33
N ILE A 78 6.06 -19.24 -35.55
CA ILE A 78 6.87 -18.44 -34.61
C ILE A 78 6.31 -17.05 -34.45
N ALA A 79 5.97 -16.41 -35.59
CA ALA A 79 5.44 -15.04 -35.61
C ALA A 79 4.13 -14.92 -34.78
N LEU A 80 3.26 -15.90 -34.94
CA LEU A 80 2.01 -15.96 -34.17
C LEU A 80 2.24 -16.13 -32.66
N LEU A 81 3.19 -16.98 -32.28
CA LEU A 81 3.49 -17.22 -30.85
C LEU A 81 4.06 -15.97 -30.22
N LYS A 82 5.06 -15.41 -30.88
CA LYS A 82 5.71 -14.20 -30.43
C LYS A 82 4.73 -13.00 -30.38
N GLY A 83 3.85 -12.92 -31.37
CA GLY A 83 2.88 -11.84 -31.41
C GLY A 83 1.74 -11.94 -30.42
N SER A 84 1.51 -13.14 -29.81
CA SER A 84 0.38 -13.29 -28.85
C SER A 84 0.70 -13.58 -27.41
N ALA A 85 1.92 -13.88 -27.08
CA ALA A 85 2.27 -14.30 -25.72
C ALA A 85 1.97 -13.32 -24.61
N VAL A 86 2.26 -12.02 -24.82
CA VAL A 86 2.00 -11.00 -23.81
C VAL A 86 0.54 -10.81 -23.61
N GLU A 87 -0.22 -10.72 -24.72
CA GLU A 87 -1.69 -10.59 -24.67
C GLU A 87 -2.30 -11.80 -24.00
N ALA A 88 -1.86 -13.02 -24.36
CA ALA A 88 -2.40 -14.22 -23.68
C ALA A 88 -2.14 -14.16 -22.17
N MET A 89 -0.95 -13.68 -21.79
CA MET A 89 -0.67 -13.62 -20.36
C MET A 89 -1.59 -12.65 -19.63
N PHE A 90 -1.84 -11.47 -20.21
CA PHE A 90 -2.70 -10.48 -19.55
C PHE A 90 -4.15 -10.91 -19.60
N LEU A 91 -4.54 -11.70 -20.60
CA LEU A 91 -5.94 -12.15 -20.65
C LEU A 91 -6.16 -13.22 -19.57
N ARG A 92 -5.16 -14.07 -19.38
CA ARG A 92 -5.17 -15.06 -18.32
C ARG A 92 -5.10 -14.39 -16.95
N SER A 93 -4.32 -13.30 -16.83
CA SER A 93 -4.26 -12.56 -15.58
C SER A 93 -5.64 -11.93 -15.28
N ALA A 94 -6.34 -11.44 -16.31
CA ALA A 94 -7.70 -10.90 -16.19
C ALA A 94 -8.71 -11.99 -15.81
N GLU A 95 -8.56 -13.19 -16.38
CA GLU A 95 -9.42 -14.34 -16.05
C GLU A 95 -9.27 -14.68 -14.55
N ILE A 96 -8.03 -14.79 -14.06
CA ILE A 96 -7.71 -15.08 -12.65
C ILE A 96 -8.24 -13.95 -11.76
N PHE A 97 -7.95 -12.69 -12.13
CA PHE A 97 -8.39 -11.54 -11.32
C PHE A 97 -9.88 -11.47 -11.05
N ASN A 98 -10.67 -11.84 -12.04
CA ASN A 98 -12.12 -11.72 -11.92
C ASN A 98 -12.83 -12.96 -11.43
N LYS A 99 -12.08 -13.98 -11.01
CA LYS A 99 -12.66 -15.21 -10.44
C LYS A 99 -13.20 -14.91 -9.03
N LYS A 100 -14.34 -15.53 -8.66
CA LYS A 100 -14.97 -15.32 -7.36
C LYS A 100 -14.18 -15.89 -6.21
N LEU A 101 -14.01 -15.06 -5.19
CA LEU A 101 -13.27 -15.42 -3.98
C LEU A 101 -14.11 -15.01 -2.75
N PRO A 102 -13.80 -15.53 -1.53
CA PRO A 102 -14.53 -15.09 -0.33
C PRO A 102 -14.58 -13.56 -0.18
N SER A 103 -15.59 -13.05 0.56
CA SER A 103 -15.77 -11.61 0.81
C SER A 103 -14.45 -10.94 1.28
N GLY A 104 -14.13 -9.77 0.70
CA GLY A 104 -12.92 -9.02 1.01
C GLY A 104 -11.59 -9.51 0.43
N HIS A 105 -11.59 -10.67 -0.25
CA HIS A 105 -10.37 -11.26 -0.84
C HIS A 105 -9.90 -10.56 -2.12
N SER A 106 -10.82 -10.27 -3.05
CA SER A 106 -10.51 -9.58 -4.30
C SER A 106 -9.95 -8.19 -4.04
N ASP A 107 -10.41 -7.54 -2.96
CA ASP A 107 -9.92 -6.23 -2.54
C ASP A 107 -8.47 -6.39 -2.10
N LEU A 108 -8.18 -7.42 -1.27
CA LEU A 108 -6.83 -7.67 -0.82
C LEU A 108 -5.91 -8.11 -1.97
N LEU A 109 -6.43 -8.94 -2.89
CA LEU A 109 -5.65 -9.39 -4.04
C LEU A 109 -5.28 -8.19 -4.87
N GLU A 110 -6.24 -7.28 -5.13
CA GLU A 110 -6.01 -6.07 -5.92
C GLU A 110 -4.97 -5.12 -5.26
N ALA A 111 -4.98 -5.01 -3.92
CA ALA A 111 -4.07 -4.17 -3.13
C ALA A 111 -2.66 -4.71 -3.20
N ARG A 112 -2.51 -6.03 -3.08
CA ARG A 112 -1.23 -6.72 -3.16
C ARG A 112 -0.63 -6.55 -4.55
N ILE A 113 -1.42 -6.70 -5.63
CA ILE A 113 -0.91 -6.55 -7.01
C ILE A 113 -0.44 -5.11 -7.19
N ARG A 114 -1.28 -4.15 -6.78
CA ARG A 114 -1.03 -2.71 -6.85
C ARG A 114 0.31 -2.34 -6.18
N ASN A 115 0.66 -3.04 -5.09
CA ASN A 115 1.90 -2.80 -4.34
C ASN A 115 2.98 -3.84 -4.59
N SER A 116 2.90 -4.54 -5.74
CA SER A 116 3.82 -5.61 -6.11
C SER A 116 5.19 -5.13 -6.56
N GLY A 117 5.28 -3.88 -6.97
CA GLY A 117 6.52 -3.28 -7.45
C GLY A 117 6.38 -2.63 -8.81
N ILE A 118 5.25 -2.87 -9.45
CA ILE A 118 4.93 -2.30 -10.75
C ILE A 118 4.81 -0.78 -10.59
N SER A 119 5.24 -0.05 -11.63
CA SER A 119 5.19 1.40 -11.71
C SER A 119 3.74 1.88 -11.80
N ASP A 120 3.44 2.98 -11.11
CA ASP A 120 2.14 3.67 -11.03
C ASP A 120 1.54 3.98 -12.42
N GLU A 121 2.43 4.26 -13.40
CA GLU A 121 2.09 4.55 -14.79
C GLU A 121 1.30 3.39 -15.43
N TYR A 122 1.56 2.17 -14.94
CA TYR A 122 1.00 0.93 -15.47
C TYR A 122 -0.12 0.30 -14.73
N ILE A 123 -0.26 0.60 -13.44
CA ILE A 123 -1.33 0.10 -12.58
C ILE A 123 -2.68 0.47 -13.20
N THR A 124 -2.80 1.73 -13.61
CA THR A 124 -4.01 2.31 -14.20
C THR A 124 -4.51 1.56 -15.46
N PRO A 125 -3.78 1.51 -16.61
CA PRO A 125 -4.32 0.76 -17.76
C PRO A 125 -4.49 -0.75 -17.50
N MET A 126 -3.70 -1.31 -16.57
CA MET A 126 -3.82 -2.73 -16.24
C MET A 126 -5.14 -3.03 -15.56
N PHE A 127 -5.46 -2.29 -14.48
CA PHE A 127 -6.71 -2.48 -13.75
C PHE A 127 -7.92 -2.04 -14.55
N SER A 128 -7.78 -1.03 -15.41
CA SER A 128 -8.88 -0.57 -16.25
C SER A 128 -9.30 -1.76 -17.17
N PHE A 129 -8.32 -2.41 -17.80
CA PHE A 129 -8.56 -3.59 -18.62
C PHE A 129 -9.15 -4.77 -17.82
N TYR A 130 -8.56 -5.11 -16.66
CA TYR A 130 -9.10 -6.23 -15.85
C TYR A 130 -10.57 -6.03 -15.46
N LYS A 131 -10.96 -4.79 -15.12
CA LYS A 131 -12.36 -4.51 -14.73
C LYS A 131 -13.33 -4.56 -15.93
N SER A 132 -12.88 -4.13 -17.12
CA SER A 132 -13.64 -4.17 -18.38
C SER A 132 -13.98 -5.61 -18.75
N ILE A 133 -13.04 -6.55 -18.53
CA ILE A 133 -13.17 -8.01 -18.73
C ILE A 133 -14.16 -8.53 -17.71
N GLY A 134 -14.08 -8.01 -16.49
CA GLY A 134 -14.98 -8.39 -15.42
C GLY A 134 -16.43 -8.09 -15.71
N GLU A 135 -16.72 -6.94 -16.36
CA GLU A 135 -18.09 -6.50 -16.70
C GLU A 135 -18.75 -7.37 -17.79
N LEU A 136 -17.95 -8.20 -18.50
CA LEU A 136 -18.43 -9.10 -19.54
C LEU A 136 -18.91 -10.44 -19.00
N LYS A 137 -18.55 -10.78 -17.74
CA LYS A 137 -18.93 -12.04 -17.07
C LYS A 137 -18.73 -13.24 -17.99
N MET A 138 -17.51 -13.34 -18.50
CA MET A 138 -17.15 -14.37 -19.46
C MET A 138 -17.13 -15.73 -18.79
N THR A 139 -17.49 -16.77 -19.55
CA THR A 139 -17.46 -18.17 -19.09
C THR A 139 -16.10 -18.75 -19.43
N GLN A 140 -15.75 -19.88 -18.80
CA GLN A 140 -14.48 -20.55 -19.07
C GLN A 140 -14.28 -20.80 -20.56
N GLU A 141 -15.37 -21.15 -21.26
CA GLU A 141 -15.34 -21.45 -22.70
C GLU A 141 -15.05 -20.19 -23.49
N GLU A 142 -15.50 -19.04 -23.01
CA GLU A 142 -15.29 -17.80 -23.73
C GLU A 142 -13.85 -17.35 -23.63
N TYR A 143 -13.24 -17.57 -22.46
CA TYR A 143 -11.81 -17.22 -22.27
C TYR A 143 -10.92 -18.12 -23.10
N ALA A 144 -11.32 -19.42 -23.23
CA ALA A 144 -10.54 -20.42 -23.99
C ALA A 144 -10.55 -20.11 -25.45
N LEU A 145 -11.73 -19.83 -26.01
CA LEU A 145 -11.90 -19.42 -27.42
C LEU A 145 -11.26 -18.05 -27.71
N LEU A 146 -11.40 -17.08 -26.80
CA LEU A 146 -10.79 -15.77 -26.99
C LEU A 146 -9.26 -15.93 -27.07
N THR A 147 -8.68 -16.79 -26.21
CA THR A 147 -7.24 -17.04 -26.21
C THR A 147 -6.83 -17.64 -27.53
N ALA A 148 -7.61 -18.60 -28.06
CA ALA A 148 -7.30 -19.21 -29.36
C ALA A 148 -7.37 -18.19 -30.47
N ILE A 149 -8.39 -17.31 -30.42
CA ILE A 149 -8.59 -16.24 -31.40
C ILE A 149 -7.45 -15.24 -31.37
N VAL A 150 -6.95 -14.91 -30.16
CA VAL A 150 -5.83 -13.98 -29.99
C VAL A 150 -4.58 -14.54 -30.65
N ILE A 151 -4.36 -15.86 -30.49
CA ILE A 151 -3.20 -16.56 -31.04
C ILE A 151 -3.25 -16.63 -32.58
N LEU A 152 -4.39 -17.01 -33.14
CA LEU A 152 -4.52 -17.16 -34.59
C LEU A 152 -4.94 -15.84 -35.26
N SER A 153 -4.32 -14.75 -34.86
CA SER A 153 -4.61 -13.43 -35.42
C SER A 153 -3.85 -13.22 -36.74
N PRO A 154 -4.56 -13.19 -37.89
CA PRO A 154 -3.88 -12.97 -39.19
C PRO A 154 -3.26 -11.58 -39.37
N ASP A 155 -3.82 -10.56 -38.71
CA ASP A 155 -3.40 -9.14 -38.73
C ASP A 155 -2.17 -8.87 -37.85
N ARG A 156 -1.28 -9.88 -37.78
CA ARG A 156 -0.07 -9.89 -36.97
C ARG A 156 1.13 -9.51 -37.82
N GLN A 157 2.17 -8.97 -37.18
CA GLN A 157 3.35 -8.52 -37.87
C GLN A 157 4.23 -9.69 -38.26
N TYR A 158 4.68 -9.73 -39.53
CA TYR A 158 5.61 -10.71 -40.10
C TYR A 158 4.96 -11.97 -40.62
N ILE A 159 3.62 -12.02 -40.62
CA ILE A 159 2.89 -13.17 -41.14
C ILE A 159 2.95 -13.07 -42.65
N LYS A 160 3.51 -14.09 -43.29
CA LYS A 160 3.65 -14.15 -44.75
C LYS A 160 2.32 -14.58 -45.38
N ASP A 161 1.68 -15.62 -44.84
CA ASP A 161 0.43 -16.12 -45.39
C ASP A 161 -0.75 -15.90 -44.44
N ARG A 162 -1.36 -14.73 -44.55
CA ARG A 162 -2.49 -14.30 -43.74
C ARG A 162 -3.75 -15.12 -43.93
N GLU A 163 -4.05 -15.50 -45.17
CA GLU A 163 -5.23 -16.27 -45.51
C GLU A 163 -5.24 -17.64 -44.87
N ALA A 164 -4.07 -18.29 -44.77
CA ALA A 164 -3.95 -19.58 -44.14
C ALA A 164 -4.30 -19.46 -42.62
N VAL A 165 -3.93 -18.32 -42.00
CA VAL A 165 -4.22 -18.02 -40.60
C VAL A 165 -5.70 -17.66 -40.44
N GLU A 166 -6.25 -16.84 -41.38
CA GLU A 166 -7.67 -16.46 -41.41
C GLU A 166 -8.53 -17.70 -41.42
N LYS A 167 -8.24 -18.67 -42.29
CA LYS A 167 -8.94 -19.94 -42.39
C LYS A 167 -9.04 -20.70 -41.05
N LEU A 168 -8.02 -20.58 -40.19
CA LEU A 168 -7.97 -21.27 -38.89
C LEU A 168 -8.69 -20.51 -37.78
N GLN A 169 -8.72 -19.17 -37.86
CA GLN A 169 -9.37 -18.28 -36.89
C GLN A 169 -10.88 -18.27 -37.04
N GLU A 170 -11.36 -18.14 -38.31
CA GLU A 170 -12.79 -18.05 -38.65
C GLU A 170 -13.67 -19.11 -37.95
N PRO A 171 -13.37 -20.42 -38.02
CA PRO A 171 -14.18 -21.41 -37.29
C PRO A 171 -14.31 -21.21 -35.76
N LEU A 172 -13.30 -20.60 -35.11
CA LEU A 172 -13.33 -20.35 -33.67
C LEU A 172 -14.18 -19.12 -33.38
N LEU A 173 -14.07 -18.11 -34.26
CA LEU A 173 -14.89 -16.90 -34.21
C LEU A 173 -16.39 -17.29 -34.33
N ASP A 174 -16.71 -18.30 -35.17
CA ASP A 174 -18.08 -18.81 -35.35
C ASP A 174 -18.62 -19.50 -34.14
N VAL A 175 -17.81 -20.36 -33.49
CA VAL A 175 -18.21 -21.04 -32.25
C VAL A 175 -18.42 -20.01 -31.16
N LEU A 176 -17.50 -19.03 -31.06
CA LEU A 176 -17.61 -17.98 -30.05
C LEU A 176 -18.87 -17.16 -30.29
N GLN A 177 -19.14 -16.77 -31.55
CA GLN A 177 -20.35 -16.00 -31.84
C GLN A 177 -21.63 -16.74 -31.42
N LYS A 178 -21.75 -18.03 -31.78
CA LYS A 178 -22.94 -18.85 -31.43
C LYS A 178 -23.09 -18.90 -29.92
N LEU A 179 -21.97 -19.10 -29.19
CA LEU A 179 -21.93 -19.15 -27.73
C LEU A 179 -22.41 -17.88 -27.11
N CYS A 180 -21.95 -16.72 -27.63
CA CYS A 180 -22.36 -15.39 -27.14
C CYS A 180 -23.86 -15.20 -27.27
N LYS A 181 -24.43 -15.59 -28.42
CA LYS A 181 -25.86 -15.49 -28.71
C LYS A 181 -26.73 -16.32 -27.77
N ILE A 182 -26.24 -17.48 -27.33
CA ILE A 182 -26.95 -18.38 -26.41
C ILE A 182 -26.85 -17.89 -24.97
N HIS A 183 -25.63 -17.79 -24.42
CA HIS A 183 -25.35 -17.41 -23.03
C HIS A 183 -25.88 -16.05 -22.61
N GLN A 184 -26.03 -15.12 -23.57
CA GLN A 184 -26.53 -13.77 -23.33
C GLN A 184 -27.49 -13.28 -24.41
N PRO A 185 -28.72 -13.86 -24.60
CA PRO A 185 -29.63 -13.30 -25.61
C PRO A 185 -29.99 -11.85 -25.27
N GLU A 186 -29.82 -11.48 -23.98
CA GLU A 186 -30.03 -10.16 -23.39
C GLU A 186 -29.02 -9.08 -23.86
N ASN A 187 -28.02 -9.45 -24.69
CA ASN A 187 -26.98 -8.52 -25.14
C ASN A 187 -26.47 -8.93 -26.53
N PRO A 188 -27.15 -8.46 -27.58
CA PRO A 188 -26.71 -8.80 -28.96
C PRO A 188 -25.44 -8.02 -29.33
N GLN A 189 -24.81 -7.45 -28.30
CA GLN A 189 -23.61 -6.67 -28.37
C GLN A 189 -22.47 -7.45 -27.76
N HIS A 190 -22.79 -8.53 -27.02
CA HIS A 190 -21.80 -9.37 -26.34
C HIS A 190 -20.62 -9.77 -27.21
N PHE A 191 -20.88 -10.31 -28.42
CA PHE A 191 -19.84 -10.73 -29.35
C PHE A 191 -18.89 -9.61 -29.70
N ALA A 192 -19.45 -8.45 -30.11
CA ALA A 192 -18.63 -7.28 -30.42
C ALA A 192 -17.88 -6.68 -29.23
N CYS A 193 -18.43 -6.73 -27.98
CA CYS A 193 -17.71 -6.23 -26.78
C CYS A 193 -16.49 -7.07 -26.53
N LEU A 194 -16.66 -8.41 -26.61
CA LEU A 194 -15.60 -9.38 -26.42
C LEU A 194 -14.51 -9.14 -27.46
N LEU A 195 -14.90 -8.90 -28.73
CA LEU A 195 -13.95 -8.61 -29.79
C LEU A 195 -13.29 -7.23 -29.61
N GLY A 196 -14.01 -6.30 -28.99
CA GLY A 196 -13.54 -4.94 -28.76
C GLY A 196 -12.48 -4.87 -27.67
N ARG A 197 -12.59 -5.74 -26.67
CA ARG A 197 -11.59 -5.88 -25.57
C ARG A 197 -10.23 -6.30 -26.12
N LEU A 198 -10.26 -7.11 -27.18
CA LEU A 198 -9.07 -7.59 -27.87
C LEU A 198 -8.22 -6.46 -28.42
N THR A 199 -8.82 -5.27 -28.64
CA THR A 199 -8.07 -4.11 -29.10
C THR A 199 -7.34 -3.40 -27.98
N GLU A 200 -7.94 -3.42 -26.77
CA GLU A 200 -7.33 -2.88 -25.55
C GLU A 200 -6.14 -3.80 -25.20
N LEU A 201 -6.31 -5.13 -25.37
CA LEU A 201 -5.27 -6.13 -25.13
C LEU A 201 -3.98 -5.83 -25.90
N ARG A 202 -4.10 -5.44 -27.16
CA ARG A 202 -2.91 -5.14 -27.95
C ARG A 202 -2.04 -4.00 -27.40
N THR A 203 -2.64 -3.05 -26.68
CA THR A 203 -1.90 -1.91 -26.11
C THR A 203 -0.82 -2.33 -25.10
N PHE A 204 -1.01 -3.50 -24.45
CA PHE A 204 -0.04 -4.04 -23.49
C PHE A 204 1.22 -4.50 -24.19
N ASN A 205 1.18 -4.71 -25.53
CA ASN A 205 2.37 -5.10 -26.31
C ASN A 205 3.42 -4.03 -26.36
N HIS A 206 3.02 -2.79 -26.68
CA HIS A 206 3.93 -1.67 -26.85
C HIS A 206 4.67 -1.33 -25.58
N HIS A 207 3.95 -1.26 -24.46
CA HIS A 207 4.56 -0.92 -23.19
C HIS A 207 4.97 -2.04 -22.27
N HIS A 208 4.87 -3.33 -22.70
CA HIS A 208 5.26 -4.47 -21.83
CA HIS A 208 5.25 -4.43 -21.84
C HIS A 208 6.72 -4.39 -21.40
N ALA A 209 7.64 -4.12 -22.33
CA ALA A 209 9.06 -4.05 -21.99
C ALA A 209 9.36 -2.98 -20.94
N GLU A 210 8.71 -1.81 -21.05
CA GLU A 210 8.91 -0.68 -20.14
C GLU A 210 8.27 -0.93 -18.81
N MET A 211 7.12 -1.60 -18.81
CA MET A 211 6.37 -2.03 -17.61
C MET A 211 7.27 -2.96 -16.79
N LEU A 212 7.95 -3.90 -17.46
CA LEU A 212 8.87 -4.86 -16.81
C LEU A 212 10.16 -4.19 -16.29
N MET A 213 10.78 -3.31 -17.10
CA MET A 213 12.03 -2.63 -16.77
C MET A 213 11.88 -1.55 -15.70
N SER A 214 10.66 -1.06 -15.48
CA SER A 214 10.35 -0.06 -14.46
C SER A 214 9.87 -0.67 -13.15
N TRP A 215 9.94 -2.00 -13.05
CA TRP A 215 9.57 -2.67 -11.82
C TRP A 215 10.53 -2.15 -10.78
N ARG A 216 10.01 -1.77 -9.61
CA ARG A 216 10.82 -1.17 -8.55
C ARG A 216 11.77 -2.10 -7.84
N VAL A 217 12.71 -2.65 -8.61
CA VAL A 217 13.76 -3.56 -8.13
C VAL A 217 15.08 -3.06 -8.68
N ASN A 218 16.19 -3.53 -8.09
CA ASN A 218 17.52 -3.10 -8.49
C ASN A 218 18.02 -3.80 -9.74
N ASP A 219 17.65 -5.08 -9.90
CA ASP A 219 18.08 -5.89 -11.03
C ASP A 219 16.85 -6.55 -11.70
N HIS A 220 16.86 -6.60 -13.02
CA HIS A 220 15.76 -7.18 -13.76
C HIS A 220 16.28 -8.38 -14.51
N LYS A 221 16.25 -9.55 -13.87
CA LYS A 221 16.72 -10.77 -14.53
C LYS A 221 15.52 -11.51 -15.11
N PHE A 222 15.65 -12.00 -16.34
CA PHE A 222 14.59 -12.79 -16.98
C PHE A 222 15.19 -14.13 -17.40
N THR A 223 14.35 -15.11 -17.64
CA THR A 223 14.83 -16.42 -18.08
C THR A 223 15.15 -16.32 -19.58
N PRO A 224 15.96 -17.22 -20.17
CA PRO A 224 16.24 -17.10 -21.60
C PRO A 224 15.01 -17.28 -22.51
N LEU A 225 14.00 -18.03 -22.05
CA LEU A 225 12.77 -18.24 -22.83
C LEU A 225 12.01 -16.91 -22.89
N LEU A 226 11.99 -16.18 -21.74
CA LEU A 226 11.36 -14.84 -21.66
C LEU A 226 12.10 -13.78 -22.47
N CYS A 227 13.42 -13.88 -22.58
CA CYS A 227 14.14 -12.92 -23.45
C CYS A 227 13.77 -13.07 -24.89
N GLU A 228 13.46 -14.30 -25.31
CA GLU A 228 13.06 -14.59 -26.68
C GLU A 228 11.68 -14.01 -26.96
N ILE A 229 10.76 -14.20 -26.03
CA ILE A 229 9.38 -13.80 -26.17
C ILE A 229 9.06 -12.36 -25.91
N TRP A 230 9.66 -11.82 -24.88
CA TRP A 230 9.42 -10.47 -24.40
C TRP A 230 10.39 -9.45 -24.97
N ASP A 231 11.53 -9.91 -25.46
CA ASP A 231 12.56 -9.02 -25.98
C ASP A 231 12.92 -7.94 -24.95
N VAL A 232 13.54 -8.47 -23.92
CA VAL A 232 14.11 -7.81 -22.78
C VAL A 232 15.49 -8.44 -22.78
N GLN A 233 16.39 -7.96 -21.89
CA GLN A 233 17.77 -8.39 -21.64
C GLN A 233 18.65 -8.17 -22.86
N LYS B 1 18.14 -18.78 -35.29
CA LYS B 1 18.91 -18.67 -34.05
C LYS B 1 18.32 -17.64 -33.08
N ASP B 2 17.61 -16.64 -33.61
CA ASP B 2 17.02 -15.58 -32.79
C ASP B 2 15.98 -16.12 -31.81
N HIS B 3 15.11 -17.03 -32.26
CA HIS B 3 14.07 -17.60 -31.41
C HIS B 3 14.27 -19.11 -31.28
N GLN B 4 15.50 -19.53 -30.94
CA GLN B 4 15.86 -20.94 -30.85
C GLN B 4 15.13 -21.79 -29.82
N LEU B 5 14.81 -21.23 -28.63
CA LEU B 5 14.09 -21.97 -27.59
C LEU B 5 12.66 -22.14 -28.01
N LEU B 6 12.08 -21.13 -28.68
CA LEU B 6 10.70 -21.15 -29.18
C LEU B 6 10.56 -22.15 -30.34
N ARG B 7 11.51 -22.13 -31.31
CA ARG B 7 11.53 -23.08 -32.42
C ARG B 7 11.71 -24.50 -31.88
N TYR B 8 12.49 -24.67 -30.81
CA TYR B 8 12.70 -26.00 -30.22
C TYR B 8 11.40 -26.56 -29.64
N LEU B 9 10.66 -25.74 -28.91
CA LEU B 9 9.36 -26.09 -28.31
C LEU B 9 8.29 -26.32 -29.35
N LEU B 10 8.31 -25.59 -30.48
CA LEU B 10 7.33 -25.81 -31.56
C LEU B 10 7.58 -27.13 -32.28
N ASP B 11 8.84 -27.55 -32.38
CA ASP B 11 9.20 -28.83 -33.00
C ASP B 11 9.14 -30.01 -31.99
N LYS B 12 10.07 -30.07 -31.01
CA LYS B 12 10.14 -31.09 -29.94
C LYS B 12 9.88 -32.53 -30.44
N MET C 4 3.32 4.66 -2.37
CA MET C 4 4.29 5.60 -2.92
C MET C 4 5.72 5.28 -2.43
N GLU C 5 6.66 6.21 -2.70
CA GLU C 5 8.05 6.08 -2.31
C GLU C 5 8.61 7.46 -1.99
N LEU C 6 9.43 7.55 -0.95
CA LEU C 6 10.03 8.80 -0.52
C LEU C 6 11.07 9.31 -1.50
N THR C 7 11.18 10.64 -1.63
CA THR C 7 12.25 11.18 -2.47
C THR C 7 13.53 11.21 -1.62
N PRO C 8 14.75 11.22 -2.22
CA PRO C 8 15.98 11.35 -1.43
C PRO C 8 15.98 12.50 -0.40
N ASP C 9 15.39 13.67 -0.75
CA ASP C 9 15.28 14.85 0.14
C ASP C 9 14.28 14.63 1.29
N GLN C 10 13.18 13.92 1.03
CA GLN C 10 12.19 13.61 2.08
C GLN C 10 12.83 12.62 3.06
N GLN C 11 13.68 11.72 2.56
CA GLN C 11 14.43 10.73 3.32
C GLN C 11 15.47 11.39 4.25
N THR C 12 16.09 12.50 3.78
CA THR C 12 17.05 13.30 4.55
C THR C 12 16.31 14.00 5.67
N LEU C 13 15.16 14.57 5.34
CA LEU C 13 14.30 15.27 6.27
C LEU C 13 13.84 14.30 7.38
N LEU C 14 13.27 13.16 7.00
CA LEU C 14 12.85 12.12 7.90
C LEU C 14 13.95 11.76 8.93
N HIS C 15 15.19 11.46 8.48
CA HIS C 15 16.31 11.14 9.38
C HIS C 15 16.70 12.31 10.27
N PHE C 16 16.56 13.52 9.75
CA PHE C 16 16.91 14.69 10.53
C PHE C 16 15.93 14.84 11.68
N ILE C 17 14.62 14.65 11.40
CA ILE C 17 13.54 14.69 12.37
C ILE C 17 13.66 13.60 13.43
N MET C 18 13.98 12.37 13.02
CA MET C 18 14.18 11.20 13.88
C MET C 18 15.32 11.44 14.85
N ASP C 19 16.42 12.05 14.40
CA ASP C 19 17.57 12.38 15.22
C ASP C 19 17.13 13.26 16.37
N SER C 20 16.44 14.37 16.05
CA SER C 20 15.90 15.32 17.02
C SER C 20 14.90 14.63 17.98
N TYR C 21 14.04 13.76 17.43
CA TYR C 21 13.03 13.03 18.21
C TYR C 21 13.65 12.05 19.22
N ASN C 22 14.78 11.44 18.85
CA ASN C 22 15.49 10.46 19.68
C ASN C 22 16.29 11.02 20.88
N LYS C 23 16.24 12.33 21.06
CA LYS C 23 16.89 13.02 22.17
C LYS C 23 15.94 13.05 23.36
N GLN C 24 14.76 12.45 23.22
CA GLN C 24 13.80 12.36 24.33
C GLN C 24 14.26 11.24 25.26
N ARG C 25 13.98 11.42 26.57
CA ARG C 25 14.22 10.44 27.64
C ARG C 25 13.64 9.10 27.18
N MET C 26 14.41 8.01 27.35
CA MET C 26 14.04 6.67 26.89
C MET C 26 12.74 6.09 27.51
N PRO C 27 11.86 5.47 26.71
CA PRO C 27 10.64 4.84 27.29
C PRO C 27 10.96 3.77 28.35
N GLN C 28 12.02 2.94 28.12
CA GLN C 28 12.48 1.89 29.05
C GLN C 28 12.73 2.51 30.41
N GLU C 29 13.44 3.64 30.42
CA GLU C 29 13.75 4.43 31.60
C GLU C 29 12.51 4.69 32.42
N ILE C 30 11.49 5.40 31.86
CA ILE C 30 10.27 5.69 32.63
C ILE C 30 9.47 4.48 33.10
N THR C 31 9.28 3.48 32.22
CA THR C 31 8.51 2.29 32.57
C THR C 31 9.24 1.42 33.59
N ASN C 32 10.59 1.53 33.69
CA ASN C 32 11.38 0.78 34.67
C ASN C 32 11.01 1.26 36.06
N LYS C 33 11.05 2.59 36.26
CA LYS C 33 10.70 3.23 37.52
C LYS C 33 9.28 2.88 37.98
N ILE C 34 8.27 3.00 37.09
CA ILE C 34 6.89 2.72 37.44
C ILE C 34 6.70 1.22 37.82
N LEU C 35 7.40 0.30 37.12
CA LEU C 35 7.31 -1.14 37.38
C LEU C 35 8.07 -1.62 38.62
N LYS C 36 9.23 -1.02 38.89
CA LYS C 36 10.11 -1.34 40.02
C LYS C 36 9.33 -1.35 41.34
N GLU C 37 8.89 -0.19 41.80
CA GLU C 37 8.19 -0.05 43.05
C GLU C 37 7.00 0.85 42.86
N ALA C 38 5.96 0.67 43.70
CA ALA C 38 4.76 1.51 43.68
C ALA C 38 4.98 2.74 44.55
N PHE C 39 4.42 3.86 44.11
CA PHE C 39 4.54 5.11 44.82
C PHE C 39 3.17 5.63 45.26
N SER C 40 3.16 6.57 46.21
CA SER C 40 1.95 7.23 46.68
C SER C 40 1.59 8.32 45.67
N ALA C 41 0.35 8.84 45.74
CA ALA C 41 -0.15 9.90 44.85
C ALA C 41 0.71 11.16 44.88
N GLU C 42 1.29 11.51 46.05
CA GLU C 42 2.19 12.68 46.14
C GLU C 42 3.52 12.42 45.43
N GLU C 43 4.06 11.17 45.54
CA GLU C 43 5.32 10.78 44.90
C GLU C 43 5.13 10.77 43.39
N ASN C 44 4.00 10.21 42.95
CA ASN C 44 3.64 10.12 41.54
C ASN C 44 3.46 11.48 40.93
N PHE C 45 2.80 12.39 41.64
CA PHE C 45 2.57 13.74 41.14
C PHE C 45 3.88 14.51 40.86
N LEU C 46 4.89 14.30 41.71
CA LEU C 46 6.19 14.93 41.53
C LEU C 46 6.94 14.24 40.38
N ILE C 47 6.71 12.93 40.19
CA ILE C 47 7.29 12.18 39.07
C ILE C 47 6.70 12.77 37.76
N LEU C 48 5.39 13.05 37.76
CA LEU C 48 4.66 13.61 36.62
C LEU C 48 5.21 14.97 36.25
N THR C 49 5.20 15.96 37.18
CA THR C 49 5.70 17.31 36.92
C THR C 49 7.16 17.34 36.47
N GLU C 50 7.98 16.38 36.92
CA GLU C 50 9.40 16.27 36.56
C GLU C 50 9.53 15.74 35.14
N MET C 51 8.79 14.65 34.79
CA MET C 51 8.81 14.11 33.43
C MET C 51 8.26 15.16 32.44
N ALA C 52 7.23 15.88 32.84
CA ALA C 52 6.59 16.92 32.02
C ALA C 52 7.52 18.11 31.79
N THR C 53 8.32 18.50 32.80
CA THR C 53 9.26 19.64 32.70
C THR C 53 10.35 19.29 31.71
N ASN C 54 10.91 18.10 31.84
CA ASN C 54 11.94 17.64 30.94
C ASN C 54 11.38 17.49 29.53
N HIS C 55 10.15 16.92 29.42
CA HIS C 55 9.51 16.74 28.11
C HIS C 55 9.38 18.06 27.35
N VAL C 56 8.91 19.12 28.04
CA VAL C 56 8.76 20.44 27.45
C VAL C 56 10.12 21.01 26.96
N GLN C 57 11.22 20.67 27.65
CA GLN C 57 12.56 21.12 27.29
C GLN C 57 13.02 20.44 26.00
N VAL C 58 12.85 19.12 25.89
CA VAL C 58 13.23 18.40 24.70
C VAL C 58 12.30 18.79 23.52
N LEU C 59 11.04 19.06 23.82
CA LEU C 59 10.04 19.49 22.83
C LEU C 59 10.40 20.82 22.16
N VAL C 60 10.83 21.82 22.94
CA VAL C 60 11.24 23.14 22.41
C VAL C 60 12.44 22.94 21.51
N GLU C 61 13.37 22.09 21.94
CA GLU C 61 14.54 21.75 21.15
C GLU C 61 14.16 21.15 19.83
N PHE C 62 13.28 20.13 19.84
CA PHE C 62 12.74 19.44 18.67
C PHE C 62 12.01 20.39 17.71
N THR C 63 11.18 21.28 18.26
CA THR C 63 10.37 22.25 17.53
C THR C 63 11.23 23.24 16.76
N LYS C 64 12.28 23.76 17.38
CA LYS C 64 13.23 24.70 16.74
C LYS C 64 13.96 24.08 15.54
N LYS C 65 14.10 22.78 15.54
CA LYS C 65 14.77 22.09 14.43
C LYS C 65 13.82 21.79 13.29
N LEU C 66 12.50 21.95 13.49
CA LEU C 66 11.52 21.69 12.44
C LEU C 66 11.77 22.69 11.32
N PRO C 67 11.80 22.23 10.07
CA PRO C 67 12.09 23.15 8.96
C PRO C 67 11.22 24.38 8.90
N GLY C 68 11.87 25.52 9.03
CA GLY C 68 11.23 26.83 8.92
C GLY C 68 10.64 27.41 10.17
N PHE C 69 10.51 26.63 11.26
CA PHE C 69 9.92 27.13 12.49
C PHE C 69 10.56 28.44 12.95
N GLN C 70 11.89 28.54 12.87
CA GLN C 70 12.58 29.77 13.29
C GLN C 70 12.40 30.97 12.34
N THR C 71 11.68 30.79 11.20
CA THR C 71 11.39 31.88 10.27
C THR C 71 9.99 32.45 10.56
N LEU C 72 9.29 31.88 11.55
CA LEU C 72 7.94 32.29 11.90
C LEU C 72 7.90 33.47 12.82
N ASP C 73 6.77 34.18 12.80
CA ASP C 73 6.50 35.28 13.70
C ASP C 73 6.71 34.79 15.15
N HIS C 74 7.51 35.55 15.94
CA HIS C 74 7.83 35.16 17.31
CA HIS C 74 7.84 35.26 17.35
C HIS C 74 6.65 34.91 18.22
N GLU C 75 5.57 35.71 18.10
CA GLU C 75 4.38 35.50 18.91
C GLU C 75 3.66 34.23 18.52
N ASP C 76 3.68 33.93 17.22
CA ASP C 76 3.09 32.73 16.67
C ASP C 76 3.87 31.50 17.15
N GLN C 77 5.21 31.59 17.22
CA GLN C 77 6.05 30.50 17.75
C GLN C 77 5.62 30.05 19.14
N ILE C 78 5.33 31.01 20.03
CA ILE C 78 4.87 30.74 21.40
C ILE C 78 3.46 30.16 21.39
N ALA C 79 2.54 30.78 20.63
CA ALA C 79 1.18 30.27 20.53
C ALA C 79 1.14 28.79 20.06
N LEU C 80 2.11 28.37 19.21
CA LEU C 80 2.17 27.01 18.71
C LEU C 80 2.70 26.07 19.78
N LEU C 81 3.69 26.55 20.55
CA LEU C 81 4.33 25.76 21.61
C LEU C 81 3.36 25.51 22.73
N LYS C 82 2.62 26.54 23.13
CA LYS C 82 1.61 26.45 24.17
C LYS C 82 0.43 25.64 23.69
N GLY C 83 0.09 25.83 22.42
CA GLY C 83 -1.03 25.15 21.80
C GLY C 83 -0.81 23.68 21.68
N SER C 84 0.44 23.25 21.64
CA SER C 84 0.76 21.85 21.41
C SER C 84 1.43 21.03 22.52
N ALA C 85 2.01 21.67 23.56
CA ALA C 85 2.72 20.97 24.62
C ALA C 85 1.96 19.79 25.28
N VAL C 86 0.71 20.00 25.69
CA VAL C 86 -0.09 18.95 26.37
C VAL C 86 -0.33 17.75 25.44
N GLU C 87 -0.68 18.03 24.20
CA GLU C 87 -0.94 17.00 23.21
C GLU C 87 0.26 16.16 22.92
N ALA C 88 1.47 16.80 22.82
CA ALA C 88 2.70 16.03 22.52
C ALA C 88 2.99 15.09 23.69
N MET C 89 2.78 15.57 24.91
CA MET C 89 2.99 14.75 26.10
C MET C 89 2.08 13.50 26.10
N PHE C 90 0.79 13.67 25.77
CA PHE C 90 -0.11 12.50 25.70
C PHE C 90 0.26 11.56 24.58
N LEU C 91 0.76 12.11 23.45
CA LEU C 91 1.17 11.25 22.33
C LEU C 91 2.42 10.47 22.70
N ARG C 92 3.37 11.12 23.35
CA ARG C 92 4.61 10.51 23.82
C ARG C 92 4.23 9.45 24.89
N SER C 93 3.29 9.77 25.81
CA SER C 93 2.81 8.78 26.81
C SER C 93 2.17 7.57 26.14
N ALA C 94 1.37 7.73 25.05
CA ALA C 94 0.77 6.61 24.32
C ALA C 94 1.84 5.77 23.64
N GLU C 95 2.84 6.42 23.04
CA GLU C 95 3.94 5.74 22.38
C GLU C 95 4.63 4.81 23.41
N ILE C 96 5.04 5.37 24.56
CA ILE C 96 5.72 4.69 25.68
C ILE C 96 4.90 3.47 26.16
N PHE C 97 3.58 3.65 26.33
CA PHE C 97 2.67 2.57 26.72
C PHE C 97 2.61 1.39 25.73
N ASN C 98 2.68 1.69 24.41
CA ASN C 98 2.55 0.71 23.35
C ASN C 98 3.81 -0.06 23.00
N LYS C 99 4.88 0.22 23.69
CA LYS C 99 6.15 -0.46 23.50
C LYS C 99 6.12 -1.85 24.12
N LYS C 100 6.56 -2.88 23.35
CA LYS C 100 6.59 -4.27 23.79
C LYS C 100 7.44 -4.43 25.05
N LEU C 101 6.91 -5.20 26.04
CA LEU C 101 7.57 -5.43 27.32
C LEU C 101 7.46 -6.90 27.70
N PRO C 102 8.33 -7.44 28.60
CA PRO C 102 8.18 -8.86 28.99
C PRO C 102 6.76 -9.14 29.50
N SER C 103 6.23 -10.33 29.21
CA SER C 103 4.88 -10.74 29.59
C SER C 103 4.46 -10.28 30.99
N GLY C 104 3.26 -9.73 31.07
CA GLY C 104 2.69 -9.23 32.32
C GLY C 104 3.08 -7.82 32.73
N HIS C 105 4.25 -7.29 32.26
CA HIS C 105 4.74 -5.93 32.58
C HIS C 105 3.75 -4.89 32.11
N SER C 106 3.09 -5.19 30.96
CA SER C 106 2.00 -4.48 30.30
C SER C 106 0.96 -4.09 31.34
N ASP C 107 0.25 -5.12 31.83
CA ASP C 107 -0.85 -5.10 32.80
C ASP C 107 -0.46 -4.43 34.09
N LEU C 108 0.78 -4.60 34.55
CA LEU C 108 1.24 -3.97 35.78
C LEU C 108 1.42 -2.47 35.62
N LEU C 109 1.96 -2.04 34.48
CA LEU C 109 2.18 -0.62 34.20
C LEU C 109 0.84 0.10 34.19
N GLU C 110 -0.14 -0.47 33.51
CA GLU C 110 -1.46 0.13 33.43
C GLU C 110 -2.08 0.22 34.82
N ALA C 111 -2.12 -0.90 35.56
CA ALA C 111 -2.65 -0.95 36.92
C ALA C 111 -1.98 0.09 37.81
N ARG C 112 -0.63 0.22 37.76
CA ARG C 112 0.13 1.23 38.53
C ARG C 112 -0.29 2.65 38.19
N ILE C 113 -0.42 2.96 36.89
CA ILE C 113 -0.81 4.30 36.46
C ILE C 113 -2.24 4.57 36.88
N ARG C 114 -3.16 3.59 36.70
CA ARG C 114 -4.56 3.72 37.11
C ARG C 114 -4.67 4.12 38.60
N ASN C 115 -3.61 3.82 39.40
CA ASN C 115 -3.57 4.14 40.83
C ASN C 115 -2.64 5.30 41.21
N SER C 116 -2.16 6.09 40.21
CA SER C 116 -1.24 7.21 40.42
C SER C 116 -1.78 8.43 41.19
N GLY C 117 -3.08 8.59 41.25
CA GLY C 117 -3.65 9.73 41.95
C GLY C 117 -4.65 10.48 41.12
N ILE C 118 -4.56 10.30 39.80
CA ILE C 118 -5.49 10.88 38.82
C ILE C 118 -6.87 10.22 39.00
N SER C 119 -7.94 11.01 38.87
CA SER C 119 -9.31 10.52 38.96
C SER C 119 -9.60 9.50 37.88
N ASP C 120 -10.46 8.51 38.20
CA ASP C 120 -10.84 7.46 37.26
C ASP C 120 -11.51 7.97 36.00
N GLU C 121 -12.28 9.09 36.10
CA GLU C 121 -12.97 9.64 34.93
C GLU C 121 -12.04 10.18 33.82
N TYR C 122 -10.72 10.34 34.11
CA TYR C 122 -9.71 10.81 33.15
C TYR C 122 -8.80 9.72 32.70
N ILE C 123 -8.42 8.82 33.62
CA ILE C 123 -7.52 7.69 33.33
C ILE C 123 -8.14 6.68 32.35
N THR C 124 -9.47 6.47 32.46
CA THR C 124 -10.25 5.57 31.60
C THR C 124 -10.10 6.04 30.14
N PRO C 125 -10.55 7.28 29.77
CA PRO C 125 -10.34 7.77 28.40
C PRO C 125 -8.88 7.70 27.90
N MET C 126 -7.91 8.10 28.73
CA MET C 126 -6.51 8.02 28.35
C MET C 126 -6.10 6.63 27.89
N PHE C 127 -6.42 5.60 28.69
CA PHE C 127 -6.10 4.21 28.34
C PHE C 127 -6.88 3.69 27.12
N SER C 128 -8.11 4.18 26.87
CA SER C 128 -8.82 3.76 25.67
C SER C 128 -8.07 4.35 24.47
N PHE C 129 -7.64 5.62 24.53
CA PHE C 129 -6.84 6.26 23.48
C PHE C 129 -5.50 5.53 23.25
N TYR C 130 -4.75 5.21 24.34
CA TYR C 130 -3.45 4.51 24.28
C TYR C 130 -3.57 3.15 23.62
N LYS C 131 -4.57 2.38 24.01
CA LYS C 131 -4.77 1.03 23.49
C LYS C 131 -5.21 1.08 22.03
N SER C 132 -6.03 2.08 21.67
CA SER C 132 -6.51 2.24 20.31
C SER C 132 -5.41 2.75 19.39
N ILE C 133 -4.65 3.77 19.82
CA ILE C 133 -3.54 4.28 19.01
C ILE C 133 -2.48 3.19 18.86
N GLY C 134 -2.45 2.27 19.81
CA GLY C 134 -1.53 1.13 19.81
C GLY C 134 -1.97 0.07 18.83
N GLU C 135 -3.25 0.12 18.45
CA GLU C 135 -3.84 -0.79 17.47
C GLU C 135 -3.34 -0.42 16.07
N LEU C 136 -3.07 0.89 15.81
CA LEU C 136 -2.55 1.38 14.52
C LEU C 136 -1.16 0.83 14.23
N LYS C 137 -0.45 0.36 15.29
CA LYS C 137 0.91 -0.21 15.24
C LYS C 137 1.89 0.70 14.49
N MET C 138 2.02 1.95 14.99
CA MET C 138 2.86 2.94 14.35
C MET C 138 4.33 2.71 14.57
N THR C 139 5.13 3.03 13.54
CA THR C 139 6.58 2.96 13.60
C THR C 139 7.01 4.19 14.40
N GLN C 140 8.27 4.23 14.83
CA GLN C 140 8.81 5.37 15.56
C GLN C 140 8.76 6.65 14.74
N GLU C 141 8.86 6.52 13.41
CA GLU C 141 8.86 7.65 12.46
C GLU C 141 7.49 8.25 12.34
N GLU C 142 6.45 7.43 12.42
CA GLU C 142 5.08 7.95 12.34
C GLU C 142 4.78 8.79 13.54
N TYR C 143 5.24 8.35 14.72
CA TYR C 143 5.08 9.14 15.95
C TYR C 143 5.84 10.44 15.85
N ALA C 144 7.09 10.41 15.32
CA ALA C 144 7.88 11.62 15.26
C ALA C 144 7.24 12.66 14.31
N LEU C 145 6.71 12.20 13.17
CA LEU C 145 6.03 13.05 12.20
C LEU C 145 4.66 13.51 12.70
N LEU C 146 3.91 12.60 13.33
CA LEU C 146 2.62 13.00 13.92
C LEU C 146 2.82 14.09 14.98
N THR C 147 3.90 13.95 15.79
CA THR C 147 4.26 15.00 16.79
C THR C 147 4.56 16.34 16.08
N ALA C 148 5.40 16.30 15.06
CA ALA C 148 5.74 17.51 14.30
C ALA C 148 4.47 18.13 13.69
N ILE C 149 3.55 17.27 13.19
CA ILE C 149 2.27 17.73 12.62
C ILE C 149 1.38 18.36 13.71
N VAL C 150 1.42 17.82 14.94
CA VAL C 150 0.65 18.40 16.04
C VAL C 150 1.19 19.81 16.36
N ILE C 151 2.54 19.95 16.37
CA ILE C 151 3.16 21.25 16.70
C ILE C 151 2.83 22.30 15.65
N LEU C 152 2.92 21.91 14.40
CA LEU C 152 2.71 22.85 13.29
C LEU C 152 1.26 22.85 12.83
N SER C 153 0.32 23.05 13.76
CA SER C 153 -1.12 23.08 13.52
C SER C 153 -1.53 24.51 13.24
N PRO C 154 -1.95 24.84 11.98
CA PRO C 154 -2.29 26.25 11.66
C PRO C 154 -3.50 26.83 12.36
N ASP C 155 -4.38 25.95 12.81
CA ASP C 155 -5.61 26.31 13.50
C ASP C 155 -5.50 26.48 15.01
N ARG C 156 -4.27 26.70 15.55
CA ARG C 156 -4.17 26.95 17.00
C ARG C 156 -4.75 28.31 17.28
N GLN C 157 -5.33 28.51 18.47
CA GLN C 157 -5.84 29.83 18.75
C GLN C 157 -4.69 30.81 18.97
N TYR C 158 -4.92 32.11 18.68
CA TYR C 158 -3.98 33.23 18.81
C TYR C 158 -3.03 33.38 17.60
N ILE C 159 -3.01 32.38 16.70
CA ILE C 159 -2.17 32.39 15.51
C ILE C 159 -2.51 33.53 14.55
N LYS C 160 -1.55 34.44 14.38
CA LYS C 160 -1.68 35.61 13.51
C LYS C 160 -1.62 35.26 12.03
N ASP C 161 -0.66 34.42 11.60
CA ASP C 161 -0.48 34.03 10.19
C ASP C 161 -0.60 32.51 9.98
N ARG C 162 -1.84 32.08 9.77
CA ARG C 162 -2.24 30.70 9.55
C ARG C 162 -1.57 30.07 8.32
N GLU C 163 -1.50 30.80 7.19
CA GLU C 163 -0.93 30.25 5.97
C GLU C 163 0.53 29.92 6.11
N ALA C 164 1.30 30.74 6.86
CA ALA C 164 2.73 30.48 7.10
C ALA C 164 2.93 29.12 7.78
N VAL C 165 2.07 28.81 8.77
CA VAL C 165 2.14 27.54 9.51
C VAL C 165 1.80 26.41 8.56
N GLU C 166 0.74 26.59 7.79
CA GLU C 166 0.26 25.58 6.83
C GLU C 166 1.34 25.11 5.87
N LYS C 167 2.11 26.06 5.31
CA LYS C 167 3.21 25.80 4.40
C LYS C 167 4.27 24.93 5.07
N LEU C 168 4.50 25.17 6.39
CA LEU C 168 5.46 24.40 7.17
C LEU C 168 4.97 22.98 7.46
N GLN C 169 3.67 22.82 7.75
CA GLN C 169 3.08 21.50 8.02
C GLN C 169 2.90 20.61 6.79
N GLU C 170 2.52 21.18 5.64
CA GLU C 170 2.27 20.46 4.38
C GLU C 170 3.33 19.41 4.02
N PRO C 171 4.63 19.77 3.93
CA PRO C 171 5.66 18.74 3.61
C PRO C 171 5.76 17.55 4.58
N LEU C 172 5.49 17.78 5.87
CA LEU C 172 5.52 16.74 6.90
C LEU C 172 4.32 15.83 6.71
N LEU C 173 3.16 16.43 6.40
CA LEU C 173 1.96 15.66 6.06
C LEU C 173 2.17 14.81 4.84
N ASP C 174 2.94 15.33 3.85
CA ASP C 174 3.22 14.58 2.62
C ASP C 174 4.02 13.32 2.93
N VAL C 175 5.07 13.45 3.77
CA VAL C 175 5.94 12.33 4.19
C VAL C 175 5.15 11.32 5.04
N LEU C 176 4.33 11.80 5.98
CA LEU C 176 3.58 10.86 6.83
C LEU C 176 2.69 9.95 6.02
N GLN C 177 2.00 10.50 5.03
CA GLN C 177 1.13 9.78 4.09
C GLN C 177 1.92 8.67 3.33
N LYS C 178 3.15 8.99 2.87
CA LYS C 178 4.01 8.01 2.18
C LYS C 178 4.35 6.89 3.15
N LEU C 179 4.75 7.24 4.37
CA LEU C 179 5.06 6.25 5.41
C LEU C 179 3.88 5.38 5.63
N CYS C 180 2.66 5.97 5.68
CA CYS C 180 1.43 5.19 5.86
C CYS C 180 1.20 4.19 4.74
N LYS C 181 1.48 4.58 3.49
CA LYS C 181 1.36 3.68 2.32
C LYS C 181 2.48 2.64 2.33
N ILE C 182 3.70 3.04 2.72
CA ILE C 182 4.85 2.13 2.85
C ILE C 182 4.60 1.05 3.93
N HIS C 183 4.38 1.48 5.20
CA HIS C 183 4.20 0.58 6.34
C HIS C 183 2.90 -0.19 6.46
N GLN C 184 1.76 0.40 6.07
CA GLN C 184 0.49 -0.32 6.13
C GLN C 184 -0.22 -0.32 4.76
N PRO C 185 0.40 -0.95 3.72
CA PRO C 185 -0.22 -0.93 2.38
C PRO C 185 -1.52 -1.73 2.27
N GLU C 186 -1.73 -2.66 3.21
CA GLU C 186 -2.93 -3.50 3.30
C GLU C 186 -4.03 -2.77 4.05
N ASN C 187 -3.87 -1.46 4.27
CA ASN C 187 -4.81 -0.60 4.99
C ASN C 187 -4.76 0.86 4.46
N PRO C 188 -5.67 1.17 3.50
CA PRO C 188 -5.65 2.51 2.86
C PRO C 188 -6.17 3.64 3.73
N GLN C 189 -6.93 3.28 4.75
CA GLN C 189 -7.53 4.19 5.71
C GLN C 189 -6.51 4.75 6.70
N HIS C 190 -5.37 4.03 6.92
CA HIS C 190 -4.34 4.36 7.89
C HIS C 190 -4.01 5.84 8.09
N PHE C 191 -3.75 6.56 7.00
CA PHE C 191 -3.39 7.97 7.12
C PHE C 191 -4.52 8.79 7.78
N ALA C 192 -5.77 8.57 7.33
CA ALA C 192 -6.98 9.20 7.86
C ALA C 192 -7.13 8.93 9.35
N CYS C 193 -6.93 7.66 9.78
CA CYS C 193 -7.02 7.32 11.20
C CYS C 193 -6.00 8.11 12.02
N LEU C 194 -4.75 8.36 11.48
CA LEU C 194 -3.77 9.13 12.24
C LEU C 194 -4.21 10.56 12.37
N LEU C 195 -4.84 11.11 11.34
CA LEU C 195 -5.27 12.50 11.40
C LEU C 195 -6.45 12.69 12.36
N GLY C 196 -7.29 11.67 12.49
CA GLY C 196 -8.45 11.70 13.39
C GLY C 196 -7.99 11.73 14.83
N ARG C 197 -6.82 11.10 15.10
CA ARG C 197 -6.11 11.08 16.39
C ARG C 197 -5.84 12.46 16.91
N LEU C 198 -5.60 13.43 16.02
CA LEU C 198 -5.32 14.83 16.39
C LEU C 198 -6.50 15.52 17.05
N THR C 199 -7.72 15.14 16.64
CA THR C 199 -8.96 15.63 17.25
C THR C 199 -9.06 14.97 18.63
N GLU C 200 -8.76 13.66 18.74
CA GLU C 200 -8.80 13.00 20.05
C GLU C 200 -7.81 13.66 21.04
N LEU C 201 -6.59 14.04 20.56
CA LEU C 201 -5.57 14.70 21.38
C LEU C 201 -6.08 16.03 21.90
N ARG C 202 -6.79 16.78 21.06
CA ARG C 202 -7.37 18.08 21.41
C ARG C 202 -8.34 17.97 22.61
N THR C 203 -9.13 16.89 22.69
CA THR C 203 -10.05 16.75 23.84
C THR C 203 -9.26 16.59 25.17
N PHE C 204 -8.14 15.84 25.16
CA PHE C 204 -7.30 15.71 26.36
C PHE C 204 -6.75 17.03 26.81
N ASN C 205 -6.34 17.87 25.86
CA ASN C 205 -5.85 19.20 26.12
C ASN C 205 -6.97 20.06 26.78
N HIS C 206 -8.21 19.88 26.37
CA HIS C 206 -9.32 20.64 26.91
C HIS C 206 -9.57 20.40 28.40
N HIS C 207 -9.40 19.16 28.86
CA HIS C 207 -9.62 18.80 30.25
C HIS C 207 -8.36 18.72 31.12
N HIS C 208 -7.17 19.04 30.57
CA HIS C 208 -5.89 18.92 31.29
C HIS C 208 -5.81 19.59 32.65
N ALA C 209 -6.27 20.84 32.78
CA ALA C 209 -6.18 21.56 34.06
C ALA C 209 -7.03 20.91 35.17
N GLU C 210 -8.20 20.37 34.83
CA GLU C 210 -9.08 19.69 35.77
C GLU C 210 -8.47 18.32 36.11
N MET C 211 -7.85 17.69 35.11
CA MET C 211 -7.16 16.39 35.19
C MET C 211 -6.06 16.48 36.24
N LEU C 212 -5.30 17.60 36.22
CA LEU C 212 -4.22 17.89 37.15
C LEU C 212 -4.69 18.35 38.53
N MET C 213 -5.69 19.26 38.57
CA MET C 213 -6.23 19.83 39.81
C MET C 213 -7.08 18.87 40.64
N SER C 214 -7.33 17.66 40.11
CA SER C 214 -8.15 16.63 40.77
C SER C 214 -7.33 15.39 41.16
N TRP C 215 -5.99 15.49 41.03
CA TRP C 215 -5.07 14.42 41.42
C TRP C 215 -5.21 14.34 42.94
N ARG C 216 -5.21 13.11 43.51
CA ARG C 216 -5.35 12.94 44.96
C ARG C 216 -4.11 13.44 45.67
N VAL C 217 -3.99 14.78 45.84
CA VAL C 217 -2.88 15.45 46.52
C VAL C 217 -3.36 16.75 47.15
N ASN C 218 -2.61 17.25 48.12
CA ASN C 218 -2.93 18.49 48.81
C ASN C 218 -2.28 19.72 48.17
N ASP C 219 -1.01 19.60 47.78
CA ASP C 219 -0.29 20.72 47.18
C ASP C 219 0.10 20.47 45.73
N HIS C 220 -0.69 21.07 44.82
CA HIS C 220 -0.48 20.98 43.37
C HIS C 220 0.53 22.06 42.98
N LYS C 221 1.81 21.76 43.24
CA LYS C 221 2.94 22.64 42.96
C LYS C 221 3.50 22.25 41.62
N PHE C 222 3.66 23.23 40.75
CA PHE C 222 4.24 23.03 39.42
C PHE C 222 5.39 23.97 39.30
N THR C 223 6.38 23.60 38.47
CA THR C 223 7.55 24.40 38.17
C THR C 223 7.11 25.62 37.35
N PRO C 224 7.85 26.75 37.38
CA PRO C 224 7.50 27.91 36.52
C PRO C 224 7.51 27.64 35.01
N LEU C 225 8.33 26.68 34.51
CA LEU C 225 8.27 26.35 33.08
C LEU C 225 6.89 25.72 32.77
N LEU C 226 6.35 24.91 33.70
CA LEU C 226 5.02 24.31 33.53
C LEU C 226 3.91 25.33 33.62
N CYS C 227 4.07 26.35 34.50
CA CYS C 227 3.10 27.41 34.69
C CYS C 227 2.87 28.24 33.44
N GLU C 228 3.92 28.39 32.61
CA GLU C 228 3.85 29.15 31.36
C GLU C 228 3.15 28.39 30.27
N ILE C 229 3.32 27.06 30.25
CA ILE C 229 2.81 26.21 29.20
C ILE C 229 1.49 25.48 29.51
N TRP C 230 1.15 25.37 30.80
CA TRP C 230 -0.07 24.70 31.23
C TRP C 230 -1.03 25.69 31.82
N ASP C 231 -0.48 26.81 32.34
CA ASP C 231 -1.23 27.90 32.98
C ASP C 231 -2.09 27.34 34.13
N VAL C 232 -1.50 26.41 34.86
CA VAL C 232 -2.09 25.72 35.99
C VAL C 232 -2.27 26.67 37.14
N GLN C 233 -1.29 27.57 37.35
CA GLN C 233 -1.35 28.53 38.45
C GLN C 233 -0.50 29.76 38.15
N HIS D 3 5.61 34.85 29.35
CA HIS D 3 6.24 33.63 28.85
C HIS D 3 7.72 33.81 28.58
N GLN D 4 8.46 34.25 29.62
CA GLN D 4 9.88 34.54 29.54
C GLN D 4 10.75 33.30 29.40
N LEU D 5 10.36 32.19 30.05
CA LEU D 5 11.13 30.95 29.96
C LEU D 5 10.99 30.32 28.59
N LEU D 6 9.80 30.47 28.01
CA LEU D 6 9.54 30.01 26.66
C LEU D 6 10.34 30.82 25.64
N ARG D 7 10.38 32.15 25.80
CA ARG D 7 11.17 33.02 24.92
C ARG D 7 12.65 32.73 25.02
N TYR D 8 13.17 32.49 26.25
CA TYR D 8 14.58 32.15 26.45
C TYR D 8 14.91 30.82 25.77
N LEU D 9 14.07 29.78 25.99
CA LEU D 9 14.34 28.47 25.36
C LEU D 9 14.34 28.54 23.84
N LEU D 10 13.51 29.40 23.27
CA LEU D 10 13.40 29.59 21.84
C LEU D 10 14.59 30.32 21.26
N ASP D 11 15.05 31.38 21.94
CA ASP D 11 16.14 32.26 21.48
C ASP D 11 17.50 31.89 22.04
N LYS D 12 17.86 30.63 21.97
CA LYS D 12 19.17 30.27 22.48
C LYS D 12 19.89 29.33 21.52
N ASP D 13 21.22 29.27 21.64
CA ASP D 13 22.08 28.46 20.82
C ASP D 13 23.27 27.96 21.66
#